data_5T4L
#
_entry.id   5T4L
#
_cell.length_a   84.913
_cell.length_b   154.916
_cell.length_c   79.342
_cell.angle_alpha   90.00
_cell.angle_beta   90.00
_cell.angle_gamma   90.00
#
_symmetry.space_group_name_H-M   'C 2 2 21'
#
loop_
_entity.id
_entity.type
_entity.pdbx_description
1 polymer 'Aspartate aminotransferase'
2 non-polymer '(4R)-4-amino-6-{3-hydroxy-2-methyl-5-[(phosphonooxy)methyl]pyridin-4-yl}hexanoic acid'
3 water water
#
_entity_poly.entity_id   1
_entity_poly.type   'polypeptide(L)'
_entity_poly.pdbx_seq_one_letter_code
;MFENITAAPADPILGLADLFRADERPGKINLGIGVYKDETGKTPVLTSVKKAEQYLLENETTKNYLGIDGIPEFGRCTQE
LLFGKGSALINDKRARTAQTPGGTGALRVAADFLAKNTSVKRVWVSNPSWPNHKSVFNSAGLEVREYAYYDAENHTLDFD
ALINSLNEAQAGDVVLFHGCCHNPTGIDPTLEQWQTLAQLSVEKGWLPLFDFAYQGFARGLEEDAEGLRAFAAMHKELIV
ASSYSKNFGLYNERVGACTLVAADSETVDRAFSQMKAAIRANYSNPPAHGASVVATILSNDALRAIWEQELTDMRQRIQR
MRQLFVNTLQEKGANRDFSFIIKQNGMFSFSGLTKEQVLRLREEFGVYAVASGRVNVAGMTPDNMAPLCEAIVAVL
;
_entity_poly.pdbx_strand_id   A
#
# COMPACT_ATOMS: atom_id res chain seq x y z
N MET A 1 -21.68 31.73 2.21
CA MET A 1 -21.05 30.66 2.98
CA MET A 1 -21.01 30.72 3.01
CA MET A 1 -21.02 30.72 3.01
C MET A 1 -19.71 30.25 2.39
N PHE A 2 -19.63 30.27 1.07
CA PHE A 2 -18.44 29.74 0.41
C PHE A 2 -17.48 30.80 -0.10
N GLU A 3 -17.85 32.08 0.02
CA GLU A 3 -17.08 33.11 -0.67
C GLU A 3 -15.64 33.25 -0.18
N ASN A 4 -15.37 32.82 1.06
CA ASN A 4 -14.04 33.02 1.64
C ASN A 4 -13.22 31.76 1.84
N ILE A 5 -13.69 30.65 1.29
CA ILE A 5 -12.99 29.39 1.43
C ILE A 5 -11.62 29.44 0.75
N THR A 6 -10.61 28.98 1.47
CA THR A 6 -9.26 28.93 0.92
CA THR A 6 -9.25 28.92 0.92
C THR A 6 -9.13 27.67 0.07
N ALA A 7 -8.56 27.82 -1.13
CA ALA A 7 -8.38 26.67 -2.00
C ALA A 7 -7.48 25.63 -1.37
N ALA A 8 -7.76 24.37 -1.65
CA ALA A 8 -6.86 23.29 -1.27
C ALA A 8 -5.54 23.50 -2.00
N PRO A 9 -4.44 23.02 -1.38
CA PRO A 9 -3.15 23.02 -2.08
C PRO A 9 -3.28 22.33 -3.42
N ALA A 10 -2.57 22.83 -4.43
CA ALA A 10 -2.61 22.26 -5.77
C ALA A 10 -2.37 20.76 -5.73
N ASP A 11 -3.20 20.02 -6.45
CA ASP A 11 -3.10 18.55 -6.52
C ASP A 11 -1.84 18.17 -7.28
N PRO A 12 -0.82 17.64 -6.58
CA PRO A 12 0.46 17.31 -7.21
C PRO A 12 0.37 16.06 -8.09
N ILE A 13 -0.63 15.23 -7.84
CA ILE A 13 -0.83 14.07 -8.70
C ILE A 13 -1.40 14.50 -10.04
N LEU A 14 -2.41 15.37 -9.99
CA LEU A 14 -3.28 15.68 -11.13
C LEU A 14 -2.69 16.00 -12.53
N GLY A 15 -1.73 16.90 -12.72
CA GLY A 15 -0.90 17.59 -11.73
C GLY A 15 0.50 17.51 -12.33
N LEU A 16 1.24 16.54 -11.82
CA LEU A 16 2.37 15.97 -12.56
C LEU A 16 1.85 15.33 -13.84
N ALA A 17 0.69 14.68 -13.75
CA ALA A 17 0.12 14.01 -14.91
C ALA A 17 -0.23 15.00 -16.00
N ASP A 18 -0.70 16.19 -15.60
CA ASP A 18 -1.04 17.22 -16.57
C ASP A 18 0.19 17.73 -17.30
N LEU A 19 1.27 17.95 -16.55
CA LEU A 19 2.53 18.39 -17.13
C LEU A 19 3.04 17.36 -18.11
N PHE A 20 2.95 16.08 -17.73
CA PHE A 20 3.42 15.01 -18.61
C PHE A 20 2.61 14.95 -19.90
N ARG A 21 1.30 15.09 -19.79
CA ARG A 21 0.44 15.05 -20.99
C ARG A 21 0.79 16.17 -21.93
N ALA A 22 1.02 17.36 -21.38
CA ALA A 22 1.27 18.55 -22.18
C ALA A 22 2.65 18.54 -22.82
N ASP A 23 3.54 17.70 -22.31
CA ASP A 23 4.92 17.61 -22.81
C ASP A 23 4.95 17.06 -24.23
N GLU A 24 5.44 17.86 -25.18
CA GLU A 24 5.37 17.47 -26.59
C GLU A 24 6.64 16.76 -27.06
N ARG A 25 7.49 16.43 -26.10
CA ARG A 25 8.73 15.72 -26.37
C ARG A 25 8.53 14.21 -26.35
N PRO A 26 9.08 13.50 -27.33
CA PRO A 26 9.43 12.14 -26.93
C PRO A 26 10.95 11.91 -27.05
N GLY A 27 11.49 10.93 -26.34
CA GLY A 27 10.68 10.03 -25.54
C GLY A 27 10.54 10.44 -24.09
N LYS A 28 9.50 11.21 -23.80
CA LYS A 28 9.13 11.51 -22.41
C LYS A 28 8.77 10.20 -21.72
N ILE A 29 9.08 10.12 -20.43
CA ILE A 29 8.84 8.92 -19.64
C ILE A 29 8.22 9.30 -18.31
N ASN A 30 7.11 8.64 -17.95
CA ASN A 30 6.42 8.94 -16.71
CA ASN A 30 6.45 8.94 -16.70
C ASN A 30 6.68 7.88 -15.64
N LEU A 31 7.58 8.17 -14.70
CA LEU A 31 7.79 7.29 -13.55
C LEU A 31 7.05 7.79 -12.32
N GLY A 32 6.16 8.77 -12.49
N GLY A 32 6.14 8.75 -12.51
CA GLY A 32 5.44 9.32 -11.37
CA GLY A 32 5.42 9.34 -11.40
C GLY A 32 4.06 8.70 -11.22
C GLY A 32 4.10 8.67 -11.08
N ILE A 33 3.84 7.64 -12.00
N ILE A 33 3.65 7.78 -11.97
CA ILE A 33 2.55 6.96 -12.01
CA ILE A 33 2.35 7.12 -11.79
C ILE A 33 2.26 6.24 -10.69
C ILE A 33 2.35 6.26 -10.53
N GLY A 34 0.98 6.09 -10.37
N GLY A 34 1.15 5.98 -10.02
CA GLY A 34 0.57 5.52 -9.10
CA GLY A 34 1.02 5.25 -8.77
C GLY A 34 -0.02 4.12 -9.18
C GLY A 34 0.37 3.88 -8.92
N VAL A 35 0.15 3.47 -10.33
N VAL A 35 0.28 3.41 -10.16
CA VAL A 35 -0.39 2.14 -10.59
CA VAL A 35 -0.31 2.11 -10.46
C VAL A 35 0.63 1.25 -11.30
C VAL A 35 0.66 1.24 -11.26
N TYR A 36 0.36 -0.05 -11.36
CA TYR A 36 1.17 -0.96 -12.15
C TYR A 36 0.94 -0.70 -13.63
N LYS A 37 2.01 -0.81 -14.42
CA LYS A 37 1.90 -0.87 -15.88
C LYS A 37 2.69 -2.07 -16.38
N ASP A 38 2.20 -2.71 -17.44
CA ASP A 38 2.91 -3.84 -18.00
C ASP A 38 3.96 -3.36 -19.01
N GLU A 39 4.52 -4.31 -19.75
N GLU A 39 4.57 -4.29 -19.75
CA GLU A 39 5.65 -4.04 -20.65
CA GLU A 39 5.68 -3.90 -20.61
C GLU A 39 5.24 -3.19 -21.85
C GLU A 39 5.22 -3.00 -21.74
N THR A 40 3.93 -3.08 -22.09
CA THR A 40 3.40 -2.24 -23.17
C THR A 40 2.95 -0.87 -22.66
N GLY A 41 3.08 -0.62 -21.36
CA GLY A 41 2.75 0.68 -20.81
C GLY A 41 1.27 0.82 -20.50
N LYS A 42 0.59 -0.30 -20.41
CA LYS A 42 -0.84 -0.35 -20.12
CA LYS A 42 -0.83 -0.27 -20.08
C LYS A 42 -1.11 -0.88 -18.72
N THR A 43 -2.30 -0.60 -18.20
CA THR A 43 -2.77 -1.13 -16.93
C THR A 43 -4.05 -1.92 -17.28
N PRO A 44 -3.88 -3.10 -17.87
N PRO A 44 -3.88 -3.13 -17.82
CA PRO A 44 -5.10 -3.80 -18.31
CA PRO A 44 -5.05 -3.88 -18.26
C PRO A 44 -5.87 -4.41 -17.16
C PRO A 44 -5.90 -4.38 -17.11
N VAL A 45 -7.12 -4.78 -17.46
CA VAL A 45 -7.93 -5.56 -16.56
C VAL A 45 -7.33 -6.96 -16.56
N LEU A 46 -7.13 -7.53 -15.38
CA LEU A 46 -6.61 -8.89 -15.30
CA LEU A 46 -6.63 -8.89 -15.27
C LEU A 46 -7.58 -9.86 -15.94
N THR A 47 -7.04 -10.91 -16.54
CA THR A 47 -7.91 -11.90 -17.17
C THR A 47 -8.79 -12.59 -16.14
N SER A 48 -8.23 -12.91 -14.98
CA SER A 48 -9.05 -13.50 -13.91
C SER A 48 -10.23 -12.60 -13.55
N VAL A 49 -9.98 -11.30 -13.51
CA VAL A 49 -11.03 -10.32 -13.22
C VAL A 49 -12.09 -10.27 -14.32
N LYS A 50 -11.68 -10.23 -15.59
CA LYS A 50 -12.64 -10.29 -16.68
C LYS A 50 -13.50 -11.56 -16.61
N LYS A 51 -12.89 -12.70 -16.31
CA LYS A 51 -13.66 -13.95 -16.25
C LYS A 51 -14.67 -13.88 -15.10
N ALA A 52 -14.23 -13.34 -13.97
CA ALA A 52 -15.14 -13.16 -12.84
C ALA A 52 -16.28 -12.20 -13.17
N GLU A 53 -15.97 -11.12 -13.88
CA GLU A 53 -16.99 -10.14 -14.24
C GLU A 53 -18.02 -10.75 -15.18
N GLN A 54 -17.59 -11.64 -16.07
CA GLN A 54 -18.44 -12.44 -16.94
CA GLN A 54 -18.54 -12.32 -16.94
C GLN A 54 -19.46 -13.23 -16.13
N TYR A 55 -18.90 -13.96 -15.16
CA TYR A 55 -19.70 -14.81 -14.29
C TYR A 55 -20.71 -13.97 -13.52
N LEU A 56 -20.30 -12.82 -13.01
CA LEU A 56 -21.24 -11.99 -12.25
C LEU A 56 -22.37 -11.48 -13.15
N LEU A 57 -22.04 -11.07 -14.37
CA LEU A 57 -23.05 -10.57 -15.29
C LEU A 57 -24.09 -11.65 -15.56
N GLU A 58 -23.61 -12.89 -15.68
CA GLU A 58 -24.48 -14.01 -15.98
C GLU A 58 -25.33 -14.47 -14.80
N ASN A 59 -24.82 -14.30 -13.58
CA ASN A 59 -25.47 -14.93 -12.45
CA ASN A 59 -25.40 -14.93 -12.41
C ASN A 59 -26.11 -13.99 -11.42
N GLU A 60 -25.74 -12.71 -11.43
CA GLU A 60 -26.35 -11.76 -10.48
C GLU A 60 -27.83 -11.56 -10.79
N THR A 61 -28.67 -11.62 -9.76
CA THR A 61 -30.12 -11.44 -9.96
C THR A 61 -30.67 -10.25 -9.17
N THR A 62 -29.81 -9.56 -8.43
CA THR A 62 -30.23 -8.38 -7.68
C THR A 62 -29.04 -7.49 -7.40
N LYS A 63 -29.30 -6.20 -7.20
CA LYS A 63 -28.29 -5.29 -6.63
C LYS A 63 -28.67 -4.87 -5.22
N ASN A 64 -29.53 -5.64 -4.56
CA ASN A 64 -29.92 -5.34 -3.19
CA ASN A 64 -29.91 -5.31 -3.19
C ASN A 64 -28.68 -5.10 -2.32
N TYR A 65 -28.78 -4.12 -1.40
CA TYR A 65 -27.69 -3.76 -0.50
C TYR A 65 -26.96 -4.95 0.11
N LEU A 66 -25.65 -4.83 0.18
CA LEU A 66 -24.87 -5.71 1.04
C LEU A 66 -25.07 -5.27 2.48
N GLY A 67 -24.71 -6.15 3.41
CA GLY A 67 -24.59 -5.76 4.81
C GLY A 67 -23.53 -4.69 4.97
N ILE A 68 -23.54 -4.03 6.12
CA ILE A 68 -22.58 -2.96 6.40
C ILE A 68 -21.15 -3.43 6.24
N ASP A 69 -20.88 -4.68 6.66
CA ASP A 69 -19.53 -5.23 6.54
C ASP A 69 -19.28 -5.98 5.22
N GLY A 70 -20.26 -5.97 4.32
CA GLY A 70 -20.05 -6.49 2.96
C GLY A 70 -20.24 -7.98 2.79
N ILE A 71 -19.60 -8.53 1.75
CA ILE A 71 -19.81 -9.93 1.37
C ILE A 71 -19.10 -10.89 2.35
N PRO A 72 -19.85 -11.81 3.00
CA PRO A 72 -19.20 -12.67 4.00
C PRO A 72 -18.01 -13.45 3.42
N GLU A 73 -18.15 -14.01 2.21
CA GLU A 73 -17.06 -14.77 1.61
C GLU A 73 -15.80 -13.91 1.41
N PHE A 74 -16.01 -12.65 1.07
CA PHE A 74 -14.91 -11.71 0.91
C PHE A 74 -14.15 -11.56 2.24
N GLY A 75 -14.90 -11.48 3.34
CA GLY A 75 -14.28 -11.39 4.65
C GLY A 75 -13.48 -12.63 5.01
N ARG A 76 -14.04 -13.80 4.73
CA ARG A 76 -13.36 -15.04 5.07
C ARG A 76 -12.09 -15.19 4.27
N CYS A 77 -12.17 -14.92 2.97
CA CYS A 77 -10.99 -15.01 2.11
C CYS A 77 -9.92 -14.01 2.52
N THR A 78 -10.36 -12.81 2.92
CA THR A 78 -9.43 -11.80 3.40
C THR A 78 -8.69 -12.27 4.65
N GLN A 79 -9.40 -12.79 5.63
CA GLN A 79 -8.72 -13.25 6.84
C GLN A 79 -7.73 -14.39 6.57
N GLU A 80 -8.06 -15.28 5.64
N GLU A 80 -8.07 -15.26 5.64
CA GLU A 80 -7.11 -16.36 5.30
CA GLU A 80 -7.17 -16.35 5.24
C GLU A 80 -5.84 -15.78 4.65
C GLU A 80 -5.88 -15.79 4.63
N LEU A 81 -6.00 -14.78 3.79
CA LEU A 81 -4.83 -14.14 3.19
C LEU A 81 -3.97 -13.47 4.26
N LEU A 82 -4.63 -12.79 5.19
CA LEU A 82 -3.90 -12.04 6.23
C LEU A 82 -3.17 -12.97 7.21
N PHE A 83 -3.87 -13.97 7.72
CA PHE A 83 -3.42 -14.69 8.91
C PHE A 83 -3.00 -16.12 8.64
N GLY A 84 -3.42 -16.64 7.49
CA GLY A 84 -3.12 -18.01 7.11
C GLY A 84 -4.28 -18.93 7.44
N LYS A 85 -4.60 -19.84 6.53
CA LYS A 85 -5.62 -20.85 6.79
C LYS A 85 -5.23 -21.63 8.05
N GLY A 86 -6.19 -21.81 8.96
CA GLY A 86 -5.93 -22.53 10.19
C GLY A 86 -5.30 -21.72 11.30
N SER A 87 -5.18 -20.41 11.09
N SER A 87 -5.17 -20.41 11.10
CA SER A 87 -4.69 -19.48 12.11
CA SER A 87 -4.59 -19.56 12.12
C SER A 87 -5.53 -19.55 13.38
C SER A 87 -5.50 -19.50 13.36
N ALA A 88 -4.88 -19.42 14.53
CA ALA A 88 -5.60 -19.36 15.80
C ALA A 88 -6.54 -18.16 15.86
N LEU A 89 -6.14 -17.06 15.23
CA LEU A 89 -6.97 -15.85 15.20
C LEU A 89 -8.30 -16.14 14.53
N ILE A 90 -8.26 -16.98 13.51
CA ILE A 90 -9.48 -17.34 12.79
C ILE A 90 -10.25 -18.40 13.57
N ASN A 91 -9.56 -19.44 14.02
CA ASN A 91 -10.21 -20.50 14.79
C ASN A 91 -10.92 -19.97 16.05
N ASP A 92 -10.32 -18.97 16.68
CA ASP A 92 -10.84 -18.44 17.95
C ASP A 92 -11.81 -17.28 17.70
N LYS A 93 -12.12 -17.02 16.44
CA LYS A 93 -13.04 -15.95 16.03
C LYS A 93 -12.68 -14.60 16.65
N ARG A 94 -11.40 -14.27 16.61
CA ARG A 94 -10.89 -13.03 17.20
C ARG A 94 -10.86 -11.86 16.22
N ALA A 95 -11.20 -12.14 14.96
CA ALA A 95 -11.12 -11.11 13.93
C ALA A 95 -12.45 -10.91 13.24
N ARG A 96 -12.76 -9.65 12.98
CA ARG A 96 -13.93 -9.28 12.19
C ARG A 96 -13.48 -8.40 11.03
N THR A 97 -14.01 -8.67 9.85
CA THR A 97 -13.61 -7.92 8.66
C THR A 97 -14.78 -7.17 8.04
N ALA A 98 -14.58 -5.87 7.77
CA ALA A 98 -15.52 -5.11 6.95
C ALA A 98 -14.91 -4.86 5.59
N GLN A 99 -15.64 -5.23 4.55
CA GLN A 99 -15.32 -4.84 3.19
C GLN A 99 -15.45 -3.32 3.10
N THR A 100 -14.47 -2.63 2.51
CA THR A 100 -14.47 -1.16 2.44
C THR A 100 -14.17 -0.67 1.03
N PRO A 101 -14.45 0.62 0.75
CA PRO A 101 -14.10 1.22 -0.55
C PRO A 101 -12.61 1.53 -0.57
N GLY A 102 -11.85 0.51 -0.96
CA GLY A 102 -10.39 0.60 -1.03
C GLY A 102 -9.66 0.48 0.29
N GLY A 103 -8.33 0.39 0.19
CA GLY A 103 -7.49 0.50 1.36
C GLY A 103 -7.70 1.85 2.08
N THR A 104 -7.92 2.90 1.31
CA THR A 104 -8.12 4.23 1.91
C THR A 104 -9.36 4.23 2.77
N GLY A 105 -10.46 3.69 2.23
CA GLY A 105 -11.68 3.56 3.02
C GLY A 105 -11.45 2.75 4.28
N ALA A 106 -10.62 1.72 4.22
CA ALA A 106 -10.32 0.96 5.42
C ALA A 106 -9.54 1.78 6.44
N LEU A 107 -8.57 2.57 5.98
CA LEU A 107 -7.83 3.45 6.88
C LEU A 107 -8.75 4.48 7.55
N ARG A 108 -9.69 5.04 6.78
CA ARG A 108 -10.57 6.06 7.35
CA ARG A 108 -10.63 6.04 7.29
C ARG A 108 -11.58 5.43 8.31
N VAL A 109 -12.11 4.26 7.97
CA VAL A 109 -13.01 3.57 8.88
C VAL A 109 -12.26 3.24 10.19
N ALA A 110 -11.02 2.77 10.06
CA ALA A 110 -10.21 2.51 11.26
C ALA A 110 -10.04 3.78 12.08
N ALA A 111 -9.71 4.88 11.41
CA ALA A 111 -9.48 6.15 12.09
C ALA A 111 -10.74 6.66 12.81
N ASP A 112 -11.88 6.63 12.11
CA ASP A 112 -13.14 7.09 12.70
C ASP A 112 -13.51 6.21 13.88
N PHE A 113 -13.37 4.90 13.72
CA PHE A 113 -13.65 3.96 14.81
C PHE A 113 -12.80 4.28 16.05
N LEU A 114 -11.51 4.48 15.84
CA LEU A 114 -10.62 4.76 16.96
C LEU A 114 -10.92 6.12 17.60
N ALA A 115 -11.15 7.13 16.77
CA ALA A 115 -11.38 8.47 17.30
C ALA A 115 -12.63 8.52 18.18
N LYS A 116 -13.67 7.81 17.78
CA LYS A 116 -14.95 7.91 18.45
CA LYS A 116 -14.97 7.89 18.44
C LYS A 116 -15.15 6.90 19.59
N ASN A 117 -14.38 5.81 19.59
CA ASN A 117 -14.63 4.74 20.56
C ASN A 117 -13.47 4.37 21.47
N THR A 118 -12.32 5.03 21.29
CA THR A 118 -11.16 4.76 22.12
C THR A 118 -10.52 6.06 22.58
N SER A 119 -9.47 5.93 23.41
CA SER A 119 -8.72 7.08 23.88
C SER A 119 -7.64 7.51 22.88
N VAL A 120 -7.55 6.85 21.73
CA VAL A 120 -6.49 7.17 20.77
C VAL A 120 -6.55 8.62 20.32
N LYS A 121 -5.40 9.29 20.37
CA LYS A 121 -5.32 10.68 19.89
C LYS A 121 -4.25 10.88 18.84
N ARG A 122 -3.36 9.89 18.70
CA ARG A 122 -2.15 10.04 17.91
CA ARG A 122 -2.15 10.04 17.92
C ARG A 122 -1.80 8.77 17.13
N VAL A 123 -1.40 8.96 15.87
CA VAL A 123 -0.94 7.87 15.01
C VAL A 123 0.49 8.15 14.58
N TRP A 124 1.39 7.19 14.78
CA TRP A 124 2.77 7.32 14.32
C TRP A 124 2.93 6.72 12.92
N VAL A 125 3.49 7.52 12.01
CA VAL A 125 3.65 7.17 10.60
CA VAL A 125 3.68 7.05 10.65
C VAL A 125 5.13 7.26 10.24
N SER A 126 5.62 6.38 9.38
CA SER A 126 7.03 6.45 8.97
C SER A 126 7.35 7.72 8.21
N ASN A 127 8.58 8.21 8.37
CA ASN A 127 9.13 9.22 7.48
C ASN A 127 10.09 8.55 6.52
N PRO A 128 9.71 8.43 5.23
CA PRO A 128 8.50 8.94 4.57
C PRO A 128 7.37 7.93 4.56
N SER A 129 6.21 8.35 4.09
CA SER A 129 5.09 7.43 3.84
C SER A 129 4.26 7.97 2.68
N TRP A 130 3.24 7.23 2.31
CA TRP A 130 2.23 7.71 1.38
C TRP A 130 1.63 8.99 1.95
N PRO A 131 1.61 10.08 1.16
CA PRO A 131 1.17 11.34 1.77
C PRO A 131 -0.27 11.33 2.26
N ASN A 132 -1.10 10.44 1.73
CA ASN A 132 -2.49 10.49 2.15
C ASN A 132 -2.70 9.92 3.55
N HIS A 133 -1.71 9.24 4.12
CA HIS A 133 -1.86 8.73 5.49
C HIS A 133 -2.18 9.87 6.44
N LYS A 134 -1.39 10.94 6.39
CA LYS A 134 -1.61 12.07 7.28
CA LYS A 134 -1.62 12.04 7.32
C LYS A 134 -3.00 12.65 7.08
N SER A 135 -3.40 12.80 5.83
CA SER A 135 -4.69 13.40 5.53
C SER A 135 -5.84 12.58 6.11
N VAL A 136 -5.76 11.26 5.93
CA VAL A 136 -6.82 10.39 6.45
C VAL A 136 -6.92 10.49 7.97
N PHE A 137 -5.80 10.36 8.67
CA PHE A 137 -5.88 10.34 10.13
C PHE A 137 -6.29 11.71 10.67
N ASN A 138 -5.72 12.78 10.11
CA ASN A 138 -6.10 14.12 10.51
C ASN A 138 -7.59 14.38 10.29
N SER A 139 -8.17 13.82 9.23
CA SER A 139 -9.59 14.03 8.92
CA SER A 139 -9.58 14.08 8.95
C SER A 139 -10.48 13.49 10.02
N ALA A 140 -10.00 12.46 10.71
CA ALA A 140 -10.75 11.86 11.82
C ALA A 140 -10.45 12.54 13.14
N GLY A 141 -9.62 13.57 13.12
CA GLY A 141 -9.28 14.32 14.31
C GLY A 141 -8.09 13.77 15.06
N LEU A 142 -7.29 12.92 14.40
CA LEU A 142 -6.13 12.31 15.05
C LEU A 142 -4.84 13.01 14.66
N GLU A 143 -3.97 13.26 15.64
CA GLU A 143 -2.65 13.82 15.36
CA GLU A 143 -2.64 13.81 15.37
C GLU A 143 -1.76 12.78 14.69
N VAL A 144 -0.90 13.23 13.81
CA VAL A 144 0.06 12.34 13.17
C VAL A 144 1.47 12.78 13.56
N ARG A 145 2.25 11.83 14.07
CA ARG A 145 3.65 12.06 14.38
CA ARG A 145 3.65 12.08 14.36
C ARG A 145 4.48 11.13 13.52
N GLU A 146 5.70 11.56 13.18
CA GLU A 146 6.54 10.77 12.31
C GLU A 146 7.62 10.02 13.07
N TYR A 147 7.90 8.80 12.62
CA TYR A 147 9.07 8.09 13.12
C TYR A 147 10.11 7.86 12.01
N ALA A 148 11.38 7.88 12.41
CA ALA A 148 12.48 7.70 11.46
C ALA A 148 12.41 6.33 10.80
N TYR A 149 12.81 6.28 9.53
CA TYR A 149 12.67 5.04 8.77
C TYR A 149 13.75 4.91 7.71
N TYR A 150 13.83 5.91 6.84
CA TYR A 150 14.72 5.86 5.68
C TYR A 150 16.10 6.41 6.01
N ASP A 151 17.13 5.59 5.77
CA ASP A 151 18.51 6.03 5.85
C ASP A 151 18.91 6.55 4.46
N ALA A 152 18.93 7.87 4.30
CA ALA A 152 19.19 8.46 2.99
C ALA A 152 20.62 8.25 2.52
N GLU A 153 21.52 7.97 3.46
CA GLU A 153 22.91 7.74 3.13
CA GLU A 153 22.92 7.74 3.12
C GLU A 153 23.14 6.34 2.54
N ASN A 154 22.55 5.34 3.18
CA ASN A 154 22.77 3.94 2.76
C ASN A 154 21.61 3.33 1.97
N HIS A 155 20.52 4.09 1.84
N HIS A 155 20.52 4.08 1.85
CA HIS A 155 19.33 3.64 1.12
CA HIS A 155 19.32 3.63 1.12
C HIS A 155 18.75 2.37 1.75
C HIS A 155 18.74 2.37 1.75
N THR A 156 18.77 2.32 3.08
CA THR A 156 18.28 1.17 3.82
CA THR A 156 18.31 1.17 3.84
C THR A 156 17.40 1.59 4.99
N LEU A 157 16.92 0.60 5.74
CA LEU A 157 16.12 0.86 6.94
CA LEU A 157 16.13 0.85 6.93
C LEU A 157 17.02 1.29 8.09
N ASP A 158 16.77 2.49 8.59
CA ASP A 158 17.52 3.03 9.72
C ASP A 158 16.89 2.48 11.01
N PHE A 159 17.19 1.23 11.33
CA PHE A 159 16.44 0.53 12.37
C PHE A 159 16.68 1.13 13.76
N ASP A 160 17.91 1.53 14.04
CA ASP A 160 18.20 2.14 15.33
C ASP A 160 17.45 3.45 15.48
N ALA A 161 17.42 4.24 14.41
CA ALA A 161 16.73 5.52 14.44
C ALA A 161 15.22 5.32 14.58
N LEU A 162 14.70 4.28 13.93
CA LEU A 162 13.29 3.94 14.04
C LEU A 162 12.92 3.67 15.50
N ILE A 163 13.66 2.78 16.12
CA ILE A 163 13.42 2.40 17.52
C ILE A 163 13.53 3.61 18.44
N ASN A 164 14.55 4.44 18.22
CA ASN A 164 14.73 5.63 19.04
CA ASN A 164 14.73 5.63 19.04
C ASN A 164 13.57 6.61 18.91
N SER A 165 13.10 6.81 17.68
CA SER A 165 11.96 7.67 17.38
CA SER A 165 11.99 7.73 17.46
C SER A 165 10.73 7.24 18.16
N LEU A 166 10.46 5.93 18.10
CA LEU A 166 9.23 5.38 18.65
C LEU A 166 9.26 5.25 20.16
N ASN A 167 10.42 5.53 20.77
CA ASN A 167 10.47 5.62 22.23
C ASN A 167 9.62 6.78 22.74
N GLU A 168 9.35 7.75 21.87
CA GLU A 168 8.54 8.91 22.22
CA GLU A 168 8.54 8.89 22.27
C GLU A 168 7.06 8.57 22.20
N ALA A 169 6.71 7.44 21.58
CA ALA A 169 5.32 7.02 21.50
C ALA A 169 4.84 6.56 22.88
N GLN A 170 3.65 7.02 23.27
CA GLN A 170 3.08 6.67 24.57
C GLN A 170 2.22 5.41 24.44
N ALA A 171 2.05 4.71 25.56
CA ALA A 171 1.10 3.60 25.59
C ALA A 171 -0.28 4.10 25.17
N GLY A 172 -0.89 3.39 24.24
CA GLY A 172 -2.18 3.80 23.72
C GLY A 172 -2.10 4.62 22.44
N ASP A 173 -0.89 4.94 21.99
CA ASP A 173 -0.74 5.51 20.65
C ASP A 173 -0.86 4.40 19.61
N VAL A 174 -1.26 4.77 18.41
CA VAL A 174 -1.27 3.86 17.27
C VAL A 174 0.05 3.99 16.51
N VAL A 175 0.60 2.86 16.07
CA VAL A 175 1.77 2.92 15.19
C VAL A 175 1.41 2.23 13.88
N LEU A 176 1.57 2.94 12.77
N LEU A 176 1.60 2.95 12.77
CA LEU A 176 1.24 2.38 11.47
CA LEU A 176 1.29 2.46 11.43
C LEU A 176 2.46 1.70 10.88
C LEU A 176 2.47 1.72 10.84
N PHE A 177 2.25 0.48 10.39
CA PHE A 177 3.30 -0.29 9.71
C PHE A 177 2.83 -0.65 8.33
N HIS A 178 3.69 -0.55 7.32
CA HIS A 178 3.37 -1.09 6.00
C HIS A 178 3.72 -2.56 5.98
N GLY A 179 2.76 -3.42 5.62
CA GLY A 179 2.97 -4.86 5.72
C GLY A 179 4.15 -5.39 4.90
N CYS A 180 4.24 -4.91 3.66
CA CYS A 180 5.32 -5.23 2.74
C CYS A 180 5.36 -4.16 1.68
N CYS A 181 6.43 -4.09 0.91
CA CYS A 181 6.57 -3.06 -0.12
C CYS A 181 6.25 -1.67 0.42
N HIS A 182 7.03 -1.26 1.41
CA HIS A 182 6.89 0.09 1.96
C HIS A 182 6.76 1.13 0.84
N ASN A 183 5.78 2.03 0.97
CA ASN A 183 5.58 3.10 0.01
C ASN A 183 5.99 4.40 0.71
N PRO A 184 7.02 5.10 0.19
CA PRO A 184 7.60 5.02 -1.16
C PRO A 184 8.96 4.34 -1.32
N THR A 185 9.51 3.76 -0.25
CA THR A 185 10.91 3.34 -0.29
C THR A 185 11.18 1.92 -0.77
N GLY A 186 10.18 1.05 -0.67
CA GLY A 186 10.40 -0.35 -0.98
C GLY A 186 11.28 -1.06 0.04
N ILE A 187 11.56 -0.39 1.15
CA ILE A 187 12.41 -0.95 2.20
C ILE A 187 11.54 -1.57 3.28
N ASP A 188 11.67 -2.89 3.46
CA ASP A 188 10.87 -3.60 4.46
C ASP A 188 11.75 -4.18 5.58
N PRO A 189 11.22 -4.25 6.80
CA PRO A 189 11.91 -5.00 7.85
C PRO A 189 12.18 -6.44 7.46
N THR A 190 13.30 -6.99 7.89
CA THR A 190 13.51 -8.44 7.84
C THR A 190 12.56 -9.11 8.81
N LEU A 191 12.38 -10.41 8.68
CA LEU A 191 11.53 -11.13 9.65
C LEU A 191 12.02 -10.90 11.08
N GLU A 192 13.33 -11.00 11.32
CA GLU A 192 13.85 -10.77 12.66
C GLU A 192 13.59 -9.34 13.14
N GLN A 193 13.67 -8.36 12.25
CA GLN A 193 13.32 -6.99 12.61
C GLN A 193 11.84 -6.87 12.95
N TRP A 194 10.98 -7.49 12.16
CA TRP A 194 9.57 -7.54 12.46
C TRP A 194 9.29 -8.12 13.86
N GLN A 195 10.00 -9.19 14.21
CA GLN A 195 9.82 -9.87 15.50
C GLN A 195 10.25 -8.96 16.63
N THR A 196 11.35 -8.24 16.42
CA THR A 196 11.82 -7.26 17.40
C THR A 196 10.78 -6.16 17.61
N LEU A 197 10.22 -5.67 16.51
CA LEU A 197 9.20 -4.61 16.58
C LEU A 197 7.93 -5.10 17.26
N ALA A 198 7.55 -6.35 16.99
CA ALA A 198 6.37 -6.95 17.60
C ALA A 198 6.52 -7.00 19.13
N GLN A 199 7.67 -7.46 19.60
CA GLN A 199 7.92 -7.53 21.03
CA GLN A 199 7.92 -7.53 21.03
C GLN A 199 7.94 -6.14 21.66
N LEU A 200 8.57 -5.19 20.99
CA LEU A 200 8.64 -3.83 21.50
C LEU A 200 7.26 -3.20 21.60
N SER A 201 6.42 -3.43 20.59
N SER A 201 6.41 -3.44 20.60
N SER A 201 6.43 -3.45 20.59
CA SER A 201 5.06 -2.90 20.56
CA SER A 201 5.07 -2.87 20.59
CA SER A 201 5.06 -2.92 20.55
C SER A 201 4.25 -3.40 21.75
C SER A 201 4.20 -3.42 21.72
C SER A 201 4.24 -3.41 21.74
N VAL A 202 4.43 -4.67 22.10
CA VAL A 202 3.70 -5.24 23.24
C VAL A 202 4.17 -4.59 24.53
N GLU A 203 5.48 -4.42 24.66
CA GLU A 203 6.06 -3.86 25.87
C GLU A 203 5.65 -2.39 26.08
N LYS A 204 5.52 -1.66 24.98
CA LYS A 204 5.28 -0.22 25.07
C LYS A 204 3.80 0.14 25.02
N GLY A 205 2.96 -0.85 24.75
CA GLY A 205 1.53 -0.63 24.66
C GLY A 205 1.03 0.11 23.44
N TRP A 206 1.69 -0.08 22.29
CA TRP A 206 1.21 0.50 21.04
C TRP A 206 0.07 -0.33 20.46
N LEU A 207 -0.87 0.33 19.79
CA LEU A 207 -1.83 -0.40 18.98
C LEU A 207 -1.32 -0.48 17.55
N PRO A 208 -1.02 -1.69 17.05
CA PRO A 208 -0.53 -1.74 15.66
C PRO A 208 -1.64 -1.57 14.64
N LEU A 209 -1.38 -0.71 13.66
CA LEU A 209 -2.25 -0.57 12.50
CA LEU A 209 -2.24 -0.53 12.50
C LEU A 209 -1.43 -0.93 11.29
N PHE A 210 -1.79 -2.03 10.62
CA PHE A 210 -1.08 -2.42 9.41
C PHE A 210 -1.80 -1.92 8.18
N ASP A 211 -1.04 -1.26 7.30
CA ASP A 211 -1.51 -0.92 5.97
C ASP A 211 -0.93 -2.00 5.08
N PHE A 212 -1.80 -2.81 4.46
CA PHE A 212 -1.33 -3.98 3.69
CA PHE A 212 -1.36 -3.97 3.70
C PHE A 212 -1.91 -3.88 2.29
N ALA A 213 -1.25 -3.06 1.45
CA ALA A 213 -1.74 -2.80 0.11
C ALA A 213 -1.03 -3.58 -0.98
N TYR A 214 0.04 -4.28 -0.65
CA TYR A 214 0.86 -4.89 -1.71
C TYR A 214 1.15 -6.37 -1.48
N GLN A 215 0.24 -7.08 -0.81
CA GLN A 215 0.48 -8.50 -0.58
C GLN A 215 0.69 -9.24 -1.90
N GLY A 216 1.84 -9.90 -2.03
CA GLY A 216 2.19 -10.61 -3.24
C GLY A 216 3.19 -9.91 -4.14
N PHE A 217 3.49 -8.63 -3.87
N PHE A 217 3.47 -8.63 -3.86
CA PHE A 217 4.41 -7.89 -4.74
CA PHE A 217 4.38 -7.85 -4.69
C PHE A 217 5.87 -7.92 -4.29
C PHE A 217 5.85 -8.03 -4.32
N ALA A 218 6.14 -8.39 -3.08
CA ALA A 218 7.53 -8.48 -2.61
C ALA A 218 8.14 -9.85 -2.91
N ARG A 219 7.67 -10.89 -2.21
CA ARG A 219 8.18 -12.24 -2.42
C ARG A 219 7.06 -13.23 -2.79
N GLY A 220 5.90 -13.06 -2.18
CA GLY A 220 4.79 -13.98 -2.43
C GLY A 220 3.68 -13.71 -1.43
N LEU A 221 2.51 -14.30 -1.62
CA LEU A 221 1.38 -14.04 -0.72
C LEU A 221 1.72 -14.38 0.74
N GLU A 222 2.23 -15.58 0.99
CA GLU A 222 2.45 -15.98 2.38
C GLU A 222 3.67 -15.26 2.98
N GLU A 223 4.76 -15.18 2.23
CA GLU A 223 5.97 -14.51 2.72
CA GLU A 223 5.97 -14.52 2.70
C GLU A 223 5.70 -13.04 3.05
N ASP A 224 4.91 -12.39 2.21
CA ASP A 224 4.65 -10.96 2.41
C ASP A 224 3.82 -10.69 3.68
N ALA A 225 3.15 -11.72 4.20
CA ALA A 225 2.36 -11.55 5.42
C ALA A 225 3.12 -11.96 6.68
N GLU A 226 4.38 -12.37 6.57
CA GLU A 226 5.18 -12.83 7.71
CA GLU A 226 5.06 -12.89 7.74
C GLU A 226 5.24 -11.80 8.82
N GLY A 227 5.46 -10.55 8.43
CA GLY A 227 5.58 -9.47 9.39
C GLY A 227 4.29 -9.25 10.17
N LEU A 228 3.19 -9.12 9.44
CA LEU A 228 1.87 -9.00 10.05
C LEU A 228 1.61 -10.18 10.99
N ARG A 229 1.94 -11.39 10.55
CA ARG A 229 1.64 -12.56 11.36
C ARG A 229 2.51 -12.63 12.61
N ALA A 230 3.73 -12.10 12.53
CA ALA A 230 4.57 -12.00 13.73
C ALA A 230 3.94 -11.08 14.76
N PHE A 231 3.35 -9.98 14.30
CA PHE A 231 2.62 -9.08 15.20
C PHE A 231 1.37 -9.76 15.75
N ALA A 232 0.63 -10.43 14.87
CA ALA A 232 -0.64 -11.05 15.26
C ALA A 232 -0.41 -12.11 16.33
N ALA A 233 0.73 -12.78 16.27
CA ALA A 233 1.04 -13.84 17.24
C ALA A 233 1.31 -13.27 18.63
N MET A 234 1.66 -11.98 18.69
N MET A 234 1.66 -11.99 18.72
CA MET A 234 2.13 -11.35 19.92
CA MET A 234 2.06 -11.43 20.00
C MET A 234 1.09 -10.42 20.55
C MET A 234 1.00 -10.50 20.60
N HIS A 235 0.12 -9.98 19.75
CA HIS A 235 -0.86 -8.97 20.21
C HIS A 235 -2.27 -9.50 20.43
N LYS A 236 -2.90 -9.03 21.49
CA LYS A 236 -4.34 -9.23 21.69
C LYS A 236 -5.13 -8.46 20.64
N GLU A 237 -4.63 -7.26 20.31
CA GLU A 237 -5.39 -6.31 19.49
C GLU A 237 -4.56 -5.73 18.38
N LEU A 238 -5.16 -5.62 17.20
CA LEU A 238 -4.56 -4.86 16.10
C LEU A 238 -5.62 -4.56 15.05
N ILE A 239 -5.27 -3.71 14.09
CA ILE A 239 -6.14 -3.43 12.96
C ILE A 239 -5.35 -3.57 11.67
N VAL A 240 -5.98 -4.15 10.66
CA VAL A 240 -5.36 -4.23 9.33
C VAL A 240 -6.23 -3.53 8.32
N ALA A 241 -5.64 -2.57 7.60
CA ALA A 241 -6.32 -1.95 6.48
C ALA A 241 -5.70 -2.49 5.22
N SER A 242 -6.41 -3.39 4.53
CA SER A 242 -5.77 -3.98 3.36
C SER A 242 -6.46 -3.52 2.08
N SER A 243 -5.73 -3.64 0.97
CA SER A 243 -6.24 -3.19 -0.33
C SER A 243 -6.05 -4.28 -1.35
N TYR A 244 -7.03 -4.40 -2.24
CA TYR A 244 -6.94 -5.26 -3.42
C TYR A 244 -6.81 -4.44 -4.70
N SER A 245 -6.66 -3.13 -4.58
CA SER A 245 -6.49 -2.26 -5.75
CA SER A 245 -6.49 -2.25 -5.72
C SER A 245 -5.31 -2.68 -6.62
N LYS A 246 -4.17 -2.92 -5.98
CA LYS A 246 -3.00 -3.16 -6.71
C LYS A 246 -2.83 -4.65 -7.08
N ASN A 247 -3.05 -5.56 -6.13
CA ASN A 247 -2.76 -6.96 -6.46
C ASN A 247 -3.86 -7.65 -7.27
N PHE A 248 -5.02 -6.98 -7.45
CA PHE A 248 -6.01 -7.45 -8.42
C PHE A 248 -6.19 -6.50 -9.60
N GLY A 249 -5.42 -5.40 -9.62
CA GLY A 249 -5.59 -4.40 -10.65
C GLY A 249 -7.00 -3.86 -10.70
N LEU A 250 -7.60 -3.69 -9.52
CA LEU A 250 -9.00 -3.28 -9.38
C LEU A 250 -9.14 -1.87 -8.83
N TYR A 251 -8.09 -1.05 -8.98
CA TYR A 251 -8.04 0.33 -8.48
C TYR A 251 -9.39 1.07 -8.41
N ASN A 252 -10.06 1.22 -9.56
CA ASN A 252 -11.22 2.12 -9.57
C ASN A 252 -12.51 1.49 -9.05
N GLU A 253 -12.48 0.21 -8.69
CA GLU A 253 -13.69 -0.42 -8.14
C GLU A 253 -13.74 -0.33 -6.62
N ARG A 254 -12.65 0.14 -6.01
CA ARG A 254 -12.56 0.46 -4.57
C ARG A 254 -12.81 -0.75 -3.68
N VAL A 255 -11.80 -1.61 -3.64
CA VAL A 255 -11.88 -2.90 -2.98
C VAL A 255 -10.83 -3.02 -1.91
N GLY A 256 -11.25 -2.96 -0.66
CA GLY A 256 -10.32 -3.13 0.45
C GLY A 256 -11.03 -3.73 1.64
N ALA A 257 -10.33 -3.80 2.77
CA ALA A 257 -10.92 -4.39 3.96
C ALA A 257 -10.33 -3.80 5.21
N CYS A 258 -11.17 -3.60 6.23
CA CYS A 258 -10.71 -3.22 7.54
C CYS A 258 -10.94 -4.40 8.46
N THR A 259 -9.85 -4.98 8.97
CA THR A 259 -9.95 -6.15 9.86
C THR A 259 -9.57 -5.76 11.26
N LEU A 260 -10.51 -5.99 12.17
CA LEU A 260 -10.36 -5.68 13.58
C LEU A 260 -10.05 -6.96 14.34
N VAL A 261 -9.02 -6.92 15.19
CA VAL A 261 -8.65 -8.08 15.99
C VAL A 261 -8.68 -7.70 17.45
N ALA A 262 -9.33 -8.54 18.28
CA ALA A 262 -9.31 -8.34 19.72
C ALA A 262 -9.01 -9.65 20.44
N ALA A 263 -8.94 -9.58 21.76
CA ALA A 263 -8.48 -10.71 22.56
C ALA A 263 -9.37 -11.95 22.43
N ASP A 264 -10.66 -11.73 22.24
CA ASP A 264 -11.60 -12.85 22.13
C ASP A 264 -12.82 -12.46 21.30
N SER A 265 -13.71 -13.43 21.05
CA SER A 265 -14.85 -13.23 20.17
CA SER A 265 -14.83 -13.20 20.16
CA SER A 265 -14.86 -13.24 20.18
C SER A 265 -15.84 -12.20 20.72
N GLU A 266 -16.12 -12.26 22.02
CA GLU A 266 -17.07 -11.32 22.62
C GLU A 266 -16.59 -9.89 22.43
N THR A 267 -15.30 -9.68 22.70
CA THR A 267 -14.73 -8.33 22.63
C THR A 267 -14.67 -7.83 21.20
N VAL A 268 -14.25 -8.67 20.25
CA VAL A 268 -14.14 -8.16 18.89
C VAL A 268 -15.54 -7.90 18.32
N ASP A 269 -16.55 -8.70 18.71
CA ASP A 269 -17.89 -8.50 18.18
C ASP A 269 -18.49 -7.18 18.69
N ARG A 270 -18.27 -6.91 19.98
CA ARG A 270 -18.73 -5.69 20.60
C ARG A 270 -18.07 -4.48 19.95
N ALA A 271 -16.75 -4.54 19.81
CA ALA A 271 -16.01 -3.45 19.18
C ALA A 271 -16.41 -3.28 17.72
N PHE A 272 -16.60 -4.38 17.01
CA PHE A 272 -16.96 -4.32 15.59
C PHE A 272 -18.33 -3.67 15.40
N SER A 273 -19.23 -3.78 16.39
CA SER A 273 -20.53 -3.14 16.26
CA SER A 273 -20.53 -3.13 16.29
C SER A 273 -20.36 -1.63 16.09
N GLN A 274 -19.35 -1.08 16.75
CA GLN A 274 -19.07 0.36 16.60
C GLN A 274 -18.31 0.69 15.32
N MET A 275 -17.50 -0.25 14.83
CA MET A 275 -16.89 -0.08 13.52
C MET A 275 -17.99 -0.06 12.45
N LYS A 276 -19.00 -0.91 12.59
CA LYS A 276 -20.11 -0.88 11.64
CA LYS A 276 -20.15 -0.89 11.70
C LYS A 276 -20.88 0.44 11.74
N ALA A 277 -21.04 0.97 12.96
CA ALA A 277 -21.70 2.28 13.09
C ALA A 277 -20.91 3.36 12.37
N ALA A 278 -19.59 3.30 12.43
CA ALA A 278 -18.75 4.29 11.76
C ALA A 278 -18.87 4.20 10.23
N ILE A 279 -19.05 2.97 9.73
CA ILE A 279 -19.30 2.78 8.29
C ILE A 279 -20.67 3.30 7.87
N ARG A 280 -21.68 2.97 8.66
CA ARG A 280 -23.06 3.37 8.35
C ARG A 280 -23.20 4.88 8.16
N ALA A 281 -22.50 5.64 9.02
CA ALA A 281 -22.56 7.09 9.03
C ALA A 281 -21.62 7.74 8.00
N ASN A 282 -20.93 6.92 7.20
CA ASN A 282 -20.01 7.39 6.19
C ASN A 282 -20.59 7.11 4.80
N TYR A 283 -20.56 5.86 4.35
CA TYR A 283 -21.06 5.54 3.01
C TYR A 283 -22.12 4.41 3.05
N SER A 284 -22.58 4.09 4.27
CA SER A 284 -23.71 3.19 4.54
C SER A 284 -23.36 1.70 4.41
N ASN A 285 -22.89 1.30 3.23
CA ASN A 285 -22.54 -0.09 2.96
C ASN A 285 -21.66 -0.06 1.71
N PRO A 286 -20.87 -1.12 1.47
CA PRO A 286 -19.77 -1.00 0.51
C PRO A 286 -20.13 -1.44 -0.93
N PRO A 287 -19.34 -0.99 -1.92
CA PRO A 287 -19.65 -1.28 -3.32
C PRO A 287 -19.37 -2.74 -3.67
N ALA A 288 -20.38 -3.40 -4.25
CA ALA A 288 -20.33 -4.84 -4.46
C ALA A 288 -19.41 -5.30 -5.58
N HIS A 289 -19.39 -4.60 -6.71
CA HIS A 289 -18.77 -5.19 -7.90
C HIS A 289 -17.32 -5.66 -7.70
N GLY A 290 -16.44 -4.77 -7.24
CA GLY A 290 -15.04 -5.13 -7.09
C GLY A 290 -14.83 -6.24 -6.07
N ALA A 291 -15.51 -6.14 -4.94
CA ALA A 291 -15.32 -7.14 -3.89
C ALA A 291 -15.90 -8.48 -4.29
N SER A 292 -16.99 -8.44 -5.05
CA SER A 292 -17.57 -9.68 -5.54
CA SER A 292 -17.59 -9.66 -5.59
C SER A 292 -16.61 -10.37 -6.50
N VAL A 293 -15.92 -9.60 -7.34
CA VAL A 293 -14.98 -10.28 -8.22
CA VAL A 293 -14.89 -10.14 -8.21
C VAL A 293 -13.82 -10.83 -7.39
N VAL A 294 -13.33 -10.13 -6.34
CA VAL A 294 -12.28 -10.72 -5.50
C VAL A 294 -12.76 -12.02 -4.81
N ALA A 295 -13.95 -12.00 -4.22
CA ALA A 295 -14.47 -13.20 -3.55
C ALA A 295 -14.66 -14.35 -4.54
N THR A 296 -15.15 -14.02 -5.74
CA THR A 296 -15.37 -15.03 -6.78
C THR A 296 -14.05 -15.69 -7.18
N ILE A 297 -13.00 -14.88 -7.30
CA ILE A 297 -11.70 -15.41 -7.68
C ILE A 297 -11.08 -16.22 -6.56
N LEU A 298 -11.05 -15.66 -5.35
CA LEU A 298 -10.33 -16.30 -4.26
C LEU A 298 -10.97 -17.62 -3.83
N SER A 299 -12.28 -17.75 -4.06
CA SER A 299 -13.00 -18.92 -3.59
C SER A 299 -13.15 -20.00 -4.66
N ASN A 300 -12.56 -19.77 -5.83
CA ASN A 300 -12.62 -20.74 -6.92
C ASN A 300 -11.21 -21.22 -7.32
N ASP A 301 -10.98 -22.52 -7.29
CA ASP A 301 -9.62 -23.01 -7.53
C ASP A 301 -9.05 -22.55 -8.87
N ALA A 302 -9.86 -22.63 -9.93
CA ALA A 302 -9.39 -22.28 -11.26
C ALA A 302 -9.08 -20.77 -11.39
N LEU A 303 -10.02 -19.92 -11.00
CA LEU A 303 -9.78 -18.48 -11.09
C LEU A 303 -8.64 -18.04 -10.20
N ARG A 304 -8.55 -18.63 -9.00
N ARG A 304 -8.56 -18.63 -9.01
CA ARG A 304 -7.49 -18.23 -8.08
CA ARG A 304 -7.75 -18.68 -6.68
CA ARG A 304 -7.51 -18.25 -8.06
C ARG A 304 -6.12 -18.55 -8.67
C ARG A 304 -6.13 -18.58 -8.62
N ALA A 305 -6.02 -19.70 -9.35
CA ALA A 305 -4.75 -20.09 -9.95
C ALA A 305 -4.32 -19.11 -11.04
N ILE A 306 -5.27 -18.71 -11.88
CA ILE A 306 -4.97 -17.73 -12.91
C ILE A 306 -4.55 -16.39 -12.30
N TRP A 307 -5.29 -15.95 -11.28
CA TRP A 307 -4.96 -14.70 -10.61
C TRP A 307 -3.58 -14.76 -9.95
N GLU A 308 -3.28 -15.85 -9.24
CA GLU A 308 -1.98 -15.95 -8.58
C GLU A 308 -0.84 -15.87 -9.59
N GLN A 309 -1.04 -16.46 -10.78
CA GLN A 309 0.01 -16.37 -11.79
C GLN A 309 0.10 -14.96 -12.37
N GLU A 310 -1.03 -14.28 -12.53
CA GLU A 310 -0.98 -12.91 -13.01
CA GLU A 310 -1.01 -12.90 -12.99
C GLU A 310 -0.26 -12.00 -12.03
N LEU A 311 -0.48 -12.23 -10.73
CA LEU A 311 0.21 -11.46 -9.70
C LEU A 311 1.70 -11.79 -9.68
N THR A 312 2.03 -13.06 -9.84
CA THR A 312 3.44 -13.46 -9.96
C THR A 312 4.09 -12.77 -11.17
N ASP A 313 3.36 -12.69 -12.28
CA ASP A 313 3.86 -12.01 -13.47
C ASP A 313 4.19 -10.55 -13.18
N MET A 314 3.31 -9.87 -12.44
CA MET A 314 3.57 -8.47 -12.06
C MET A 314 4.79 -8.36 -11.17
N ARG A 315 4.85 -9.21 -10.15
CA ARG A 315 5.97 -9.22 -9.20
CA ARG A 315 5.98 -9.19 -9.21
CA ARG A 315 5.97 -9.22 -9.21
C ARG A 315 7.29 -9.43 -9.92
N GLN A 316 7.31 -10.38 -10.84
CA GLN A 316 8.53 -10.71 -11.57
C GLN A 316 8.91 -9.61 -12.56
N ARG A 317 7.94 -8.97 -13.21
CA ARG A 317 8.30 -7.91 -14.14
C ARG A 317 8.91 -6.74 -13.38
N ILE A 318 8.34 -6.43 -12.22
CA ILE A 318 8.90 -5.39 -11.37
C ILE A 318 10.35 -5.70 -10.96
N GLN A 319 10.62 -6.93 -10.55
CA GLN A 319 11.98 -7.29 -10.17
C GLN A 319 12.92 -7.25 -11.37
N ARG A 320 12.42 -7.66 -12.54
CA ARG A 320 13.26 -7.60 -13.75
C ARG A 320 13.62 -6.17 -14.10
N MET A 321 12.68 -5.23 -13.91
CA MET A 321 12.98 -3.84 -14.21
C MET A 321 13.96 -3.26 -13.20
N ARG A 322 13.85 -3.68 -11.93
CA ARG A 322 14.82 -3.22 -10.94
C ARG A 322 16.23 -3.66 -11.32
N GLN A 323 16.38 -4.92 -11.73
CA GLN A 323 17.66 -5.44 -12.16
C GLN A 323 18.18 -4.75 -13.43
N LEU A 324 17.30 -4.57 -14.40
CA LEU A 324 17.67 -3.96 -15.68
CA LEU A 324 17.69 -3.97 -15.67
C LEU A 324 18.09 -2.51 -15.49
N PHE A 325 17.38 -1.81 -14.59
CA PHE A 325 17.70 -0.42 -14.24
C PHE A 325 19.12 -0.32 -13.70
N VAL A 326 19.46 -1.15 -12.71
CA VAL A 326 20.79 -1.13 -12.11
C VAL A 326 21.87 -1.49 -13.14
N ASN A 327 21.63 -2.52 -13.94
CA ASN A 327 22.59 -2.92 -14.96
C ASN A 327 22.82 -1.83 -16.00
N THR A 328 21.73 -1.19 -16.42
CA THR A 328 21.82 -0.20 -17.49
C THR A 328 22.47 1.10 -17.00
N LEU A 329 22.21 1.49 -15.76
CA LEU A 329 22.88 2.67 -15.18
C LEU A 329 24.39 2.45 -15.17
N GLN A 330 24.81 1.24 -14.80
CA GLN A 330 26.23 0.91 -14.81
C GLN A 330 26.80 1.00 -16.21
N GLU A 331 26.07 0.43 -17.18
N GLU A 331 26.06 0.40 -17.15
CA GLU A 331 26.53 0.41 -18.57
CA GLU A 331 26.40 0.39 -18.56
C GLU A 331 26.54 1.81 -19.19
C GLU A 331 26.55 1.79 -19.15
N LYS A 332 25.68 2.70 -18.71
CA LYS A 332 25.65 4.07 -19.22
C LYS A 332 26.60 5.01 -18.46
N GLY A 333 27.37 4.45 -17.55
CA GLY A 333 28.46 5.19 -16.91
C GLY A 333 28.11 5.98 -15.66
N ALA A 334 27.10 5.53 -14.93
CA ALA A 334 26.68 6.21 -13.70
C ALA A 334 27.81 6.21 -12.68
N ASN A 335 28.56 5.12 -12.66
CA ASN A 335 29.75 4.99 -11.83
C ASN A 335 29.47 5.23 -10.34
N ARG A 336 28.32 4.78 -9.87
CA ARG A 336 28.05 4.77 -8.44
C ARG A 336 27.07 3.66 -8.11
N ASP A 337 26.96 3.33 -6.83
CA ASP A 337 26.24 2.13 -6.42
C ASP A 337 24.73 2.35 -6.39
N PHE A 338 24.01 1.63 -7.25
CA PHE A 338 22.55 1.63 -7.24
C PHE A 338 21.99 0.26 -6.85
N SER A 339 22.84 -0.61 -6.30
CA SER A 339 22.43 -1.99 -6.00
CA SER A 339 22.44 -1.98 -5.98
C SER A 339 21.26 -2.05 -5.02
N PHE A 340 21.05 -0.99 -4.25
CA PHE A 340 19.91 -0.96 -3.33
C PHE A 340 18.58 -1.13 -4.06
N ILE A 341 18.53 -0.74 -5.32
CA ILE A 341 17.30 -0.85 -6.11
C ILE A 341 16.90 -2.33 -6.25
N ILE A 342 17.88 -3.22 -6.32
CA ILE A 342 17.65 -4.67 -6.41
CA ILE A 342 17.56 -4.63 -6.47
C ILE A 342 16.99 -5.22 -5.16
N LYS A 343 17.44 -4.73 -4.01
CA LYS A 343 16.98 -5.32 -2.77
CA LYS A 343 17.04 -5.23 -2.70
C LYS A 343 15.64 -4.74 -2.31
N GLN A 344 15.24 -3.60 -2.86
CA GLN A 344 13.97 -3.01 -2.47
C GLN A 344 12.79 -3.72 -3.14
N ASN A 345 11.63 -3.65 -2.49
CA ASN A 345 10.46 -4.47 -2.86
C ASN A 345 9.28 -3.67 -3.35
N GLY A 346 8.72 -4.05 -4.48
CA GLY A 346 7.48 -3.44 -4.95
C GLY A 346 7.72 -2.44 -6.06
N MET A 347 6.68 -1.65 -6.36
CA MET A 347 6.71 -0.70 -7.46
CA MET A 347 6.77 -0.73 -7.49
C MET A 347 7.58 0.52 -7.19
N PHE A 348 7.70 0.89 -5.92
CA PHE A 348 8.26 2.21 -5.60
C PHE A 348 9.62 2.16 -4.94
N SER A 349 10.48 3.11 -5.33
CA SER A 349 11.75 3.34 -4.64
C SER A 349 12.09 4.82 -4.68
N PHE A 350 12.89 5.27 -3.72
CA PHE A 350 13.64 6.52 -3.88
C PHE A 350 14.86 6.22 -4.76
N SER A 351 15.14 7.10 -5.73
CA SER A 351 16.30 6.89 -6.60
C SER A 351 17.62 7.34 -5.99
N GLY A 352 17.53 8.16 -4.94
CA GLY A 352 18.70 8.73 -4.33
C GLY A 352 19.08 10.05 -4.98
N LEU A 353 18.27 10.49 -5.95
CA LEU A 353 18.47 11.79 -6.59
C LEU A 353 17.85 12.90 -5.76
N THR A 354 18.37 14.11 -5.91
CA THR A 354 17.84 15.24 -5.17
C THR A 354 16.60 15.81 -5.83
N LYS A 355 15.91 16.69 -5.12
CA LYS A 355 14.71 17.31 -5.67
C LYS A 355 15.08 18.16 -6.90
N GLU A 356 16.27 18.74 -6.90
CA GLU A 356 16.69 19.54 -8.06
C GLU A 356 17.05 18.65 -9.26
N GLN A 357 17.64 17.50 -9.00
CA GLN A 357 17.91 16.55 -10.08
C GLN A 357 16.60 16.05 -10.70
N VAL A 358 15.60 15.83 -9.86
CA VAL A 358 14.29 15.39 -10.35
C VAL A 358 13.67 16.48 -11.21
N LEU A 359 13.76 17.73 -10.76
CA LEU A 359 13.27 18.84 -11.56
C LEU A 359 14.01 18.94 -12.89
N ARG A 360 15.33 18.80 -12.85
CA ARG A 360 16.15 18.82 -14.05
CA ARG A 360 16.13 18.85 -14.06
C ARG A 360 15.75 17.72 -15.02
N LEU A 361 15.50 16.53 -14.49
N LEU A 361 15.52 16.53 -14.48
CA LEU A 361 15.10 15.40 -15.32
CA LEU A 361 15.09 15.39 -15.28
C LEU A 361 13.80 15.70 -16.08
C LEU A 361 13.83 15.72 -16.06
N ARG A 362 12.87 16.35 -15.40
CA ARG A 362 11.60 16.73 -16.00
CA ARG A 362 11.61 16.71 -16.03
C ARG A 362 11.81 17.81 -17.07
N GLU A 363 12.46 18.89 -16.67
CA GLU A 363 12.61 20.05 -17.55
C GLU A 363 13.49 19.81 -18.78
N GLU A 364 14.63 19.14 -18.60
CA GLU A 364 15.60 18.98 -19.69
CA GLU A 364 15.57 18.99 -19.70
C GLU A 364 15.43 17.67 -20.46
N PHE A 365 14.93 16.64 -19.79
CA PHE A 365 14.87 15.33 -20.44
C PHE A 365 13.47 14.71 -20.56
N GLY A 366 12.46 15.36 -20.01
CA GLY A 366 11.12 14.82 -20.08
C GLY A 366 10.95 13.52 -19.31
N VAL A 367 11.79 13.31 -18.29
CA VAL A 367 11.65 12.16 -17.40
C VAL A 367 11.00 12.62 -16.10
N TYR A 368 9.85 12.02 -15.76
CA TYR A 368 8.99 12.48 -14.68
C TYR A 368 9.01 11.53 -13.49
N ALA A 369 9.48 12.03 -12.35
CA ALA A 369 9.32 11.30 -11.09
C ALA A 369 8.52 12.19 -10.17
N VAL A 370 7.99 11.63 -9.08
CA VAL A 370 7.32 12.46 -8.09
CA VAL A 370 7.30 12.51 -8.16
C VAL A 370 8.35 13.44 -7.55
N ALA A 371 7.94 14.69 -7.33
CA ALA A 371 8.90 15.73 -6.97
C ALA A 371 9.71 15.36 -5.75
N SER A 372 9.05 14.75 -4.78
CA SER A 372 9.72 14.40 -3.53
C SER A 372 10.55 13.12 -3.67
N GLY A 373 10.52 12.48 -4.84
CA GLY A 373 11.49 11.45 -5.14
C GLY A 373 11.01 10.07 -5.58
N ARG A 374 9.77 9.72 -5.28
CA ARG A 374 9.24 8.38 -5.58
C ARG A 374 9.34 8.08 -7.09
N VAL A 375 10.00 6.98 -7.46
CA VAL A 375 9.94 6.48 -8.84
C VAL A 375 9.19 5.16 -8.85
N ASN A 376 8.36 4.99 -9.86
CA ASN A 376 7.64 3.74 -10.07
CA ASN A 376 7.63 3.74 -10.06
C ASN A 376 8.36 2.92 -11.11
N VAL A 377 8.98 1.82 -10.69
CA VAL A 377 9.77 0.96 -11.54
CA VAL A 377 9.79 1.02 -11.60
C VAL A 377 8.92 0.30 -12.64
N ALA A 378 7.62 0.22 -12.40
CA ALA A 378 6.74 -0.35 -13.43
C ALA A 378 6.48 0.63 -14.59
N GLY A 379 6.92 1.87 -14.45
CA GLY A 379 6.96 2.78 -15.59
C GLY A 379 8.16 2.54 -16.50
N MET A 380 9.06 1.67 -16.06
CA MET A 380 10.22 1.30 -16.89
C MET A 380 9.91 0.10 -17.76
N THR A 381 10.47 0.11 -18.96
CA THR A 381 10.36 -1.00 -19.90
C THR A 381 11.71 -1.26 -20.54
N PRO A 382 11.88 -2.44 -21.15
CA PRO A 382 13.13 -2.65 -21.90
C PRO A 382 13.35 -1.59 -22.97
N ASP A 383 12.26 -1.12 -23.58
CA ASP A 383 12.36 -0.15 -24.65
C ASP A 383 12.75 1.26 -24.17
N ASN A 384 12.30 1.66 -22.99
CA ASN A 384 12.62 3.01 -22.54
C ASN A 384 13.78 3.07 -21.55
N MET A 385 14.36 1.93 -21.20
CA MET A 385 15.37 1.92 -20.15
C MET A 385 16.65 2.66 -20.54
N ALA A 386 17.13 2.47 -21.77
CA ALA A 386 18.38 3.13 -22.16
C ALA A 386 18.27 4.67 -22.12
N PRO A 387 17.24 5.26 -22.78
CA PRO A 387 17.16 6.73 -22.69
C PRO A 387 16.90 7.23 -21.27
N LEU A 388 16.11 6.49 -20.49
CA LEU A 388 15.88 6.80 -19.09
CA LEU A 388 15.88 6.82 -19.10
C LEU A 388 17.21 6.90 -18.35
N CYS A 389 18.04 5.89 -18.53
CA CYS A 389 19.29 5.83 -17.78
C CYS A 389 20.31 6.84 -18.30
N GLU A 390 20.28 7.11 -19.60
CA GLU A 390 21.13 8.16 -20.15
C GLU A 390 20.80 9.53 -19.55
N ALA A 391 19.50 9.79 -19.37
CA ALA A 391 19.06 11.04 -18.76
C ALA A 391 19.53 11.15 -17.31
N ILE A 392 19.38 10.06 -16.57
CA ILE A 392 19.79 10.05 -15.16
C ILE A 392 21.30 10.29 -15.03
N VAL A 393 22.09 9.58 -15.80
CA VAL A 393 23.55 9.78 -15.77
C VAL A 393 23.91 11.22 -16.07
N ALA A 394 23.14 11.85 -16.96
CA ALA A 394 23.42 13.22 -17.35
C ALA A 394 23.19 14.23 -16.23
N VAL A 395 22.37 13.90 -15.23
CA VAL A 395 22.14 14.85 -14.14
C VAL A 395 22.91 14.50 -12.87
N LEU A 396 23.67 13.40 -12.89
CA LEU A 396 24.43 12.99 -11.72
C LEU A 396 25.53 13.99 -11.36
#